data_5UCC
#
_entry.id   5UCC
#
_cell.length_a   88.901
_cell.length_b   88.901
_cell.length_c   67.259
_cell.angle_alpha   90.00
_cell.angle_beta   90.00
_cell.angle_gamma   120.00
#
_symmetry.space_group_name_H-M   'H 3'
#
loop_
_entity.id
_entity.type
_entity.pdbx_description
1 polymer 'Potential epsin-like clathrin-binding protein'
2 non-polymer 'CHLORIDE ION'
3 non-polymer 'CITRIC ACID'
4 water water
#
_entity_poly.entity_id   1
_entity_poly.type   'polypeptide(L)'
_entity_poly.pdbx_seq_one_letter_code
;MSKLVRSIKNVAGGYSSAQRVVRNATSNDPTGPTTFDMEEISSFTYQSQTEFMEVMDMLDRRLNDKGKNWRHVAKSLTVL
DYLVRYGSDKCVLWAKDNLYIIKTLREFVHFDETNNDQGAIIRVKAKELVSLLRDDERLKQERANAKKNKRYRSY
;
_entity_poly.pdbx_strand_id   A
#
# COMPACT_ATOMS: atom_id res chain seq x y z
N TYR A 15 17.67 1.03 9.87
CA TYR A 15 16.87 0.83 8.66
C TYR A 15 17.76 0.67 7.42
N SER A 16 17.31 -0.17 6.50
CA SER A 16 17.93 -0.28 5.20
C SER A 16 17.48 0.87 4.29
N SER A 17 18.12 0.98 3.13
CA SER A 17 17.77 2.05 2.21
C SER A 17 16.33 1.92 1.75
N ALA A 18 15.94 0.71 1.35
CA ALA A 18 14.57 0.45 0.92
C ALA A 18 13.57 0.82 2.01
N GLN A 19 13.89 0.51 3.27
CA GLN A 19 12.99 0.85 4.37
C GLN A 19 12.87 2.36 4.53
N ARG A 20 13.99 3.08 4.42
CA ARG A 20 13.92 4.54 4.53
C ARG A 20 13.03 5.14 3.44
N VAL A 21 13.09 4.58 2.22
CA VAL A 21 12.27 5.08 1.13
C VAL A 21 10.78 4.80 1.40
N VAL A 22 10.45 3.59 1.85
CA VAL A 22 9.06 3.30 2.17
C VAL A 22 8.56 4.23 3.27
N ARG A 23 9.37 4.44 4.31
CA ARG A 23 8.98 5.36 5.38
C ARG A 23 8.80 6.77 4.85
N ASN A 24 9.76 7.25 4.04
CA ASN A 24 9.64 8.58 3.45
C ASN A 24 8.33 8.73 2.69
N ALA A 25 7.98 7.71 1.89
CA ALA A 25 6.83 7.78 1.00
C ALA A 25 5.51 7.64 1.73
N THR A 26 5.53 7.25 3.02
CA THR A 26 4.30 7.07 3.80
C THR A 26 4.30 7.95 5.06
N SER A 27 5.03 9.06 5.05
CA SER A 27 5.14 9.91 6.22
C SER A 27 3.90 10.80 6.40
N ASN A 28 3.90 11.57 7.47
CA ASN A 28 2.80 12.47 7.79
C ASN A 28 2.74 13.71 6.90
N ASP A 29 3.78 13.94 6.10
CA ASP A 29 3.78 15.08 5.18
C ASP A 29 2.51 15.04 4.33
N PRO A 30 1.72 16.10 4.30
CA PRO A 30 0.43 16.04 3.59
C PRO A 30 0.54 15.93 2.08
N THR A 31 1.74 15.74 1.55
CA THR A 31 1.94 15.51 0.12
C THR A 31 2.56 14.13 -0.09
N GLY A 32 2.15 13.48 -1.18
CA GLY A 32 2.77 12.24 -1.60
C GLY A 32 1.93 11.02 -1.28
N PRO A 33 2.43 9.82 -1.65
CA PRO A 33 3.68 9.56 -2.36
C PRO A 33 3.62 9.94 -3.84
N THR A 34 4.79 10.23 -4.44
CA THR A 34 4.83 10.56 -5.84
C THR A 34 4.85 9.30 -6.69
N THR A 35 4.65 9.48 -7.99
CA THR A 35 4.73 8.34 -8.90
C THR A 35 6.13 7.72 -8.88
N PHE A 36 7.17 8.55 -8.91
CA PHE A 36 8.53 8.02 -8.80
C PHE A 36 8.74 7.28 -7.49
N ASP A 37 8.19 7.81 -6.38
CA ASP A 37 8.29 7.07 -5.12
C ASP A 37 7.76 5.65 -5.28
N MET A 38 6.57 5.53 -5.88
CA MET A 38 5.96 4.21 -5.99
C MET A 38 6.71 3.32 -6.99
N GLU A 39 7.19 3.91 -8.09
CA GLU A 39 8.01 3.15 -9.03
C GLU A 39 9.26 2.60 -8.35
N GLU A 40 9.92 3.44 -7.55
CA GLU A 40 11.08 3.02 -6.78
C GLU A 40 10.74 1.87 -5.84
N ILE A 41 9.68 2.04 -5.04
CA ILE A 41 9.32 0.99 -4.11
C ILE A 41 8.97 -0.30 -4.84
N SER A 42 8.26 -0.19 -5.98
CA SER A 42 7.98 -1.37 -6.77
C SER A 42 9.26 -2.06 -7.20
N SER A 43 10.27 -1.28 -7.64
CA SER A 43 11.52 -1.89 -8.07
C SER A 43 12.16 -2.69 -6.94
N PHE A 44 11.99 -2.25 -5.69
CA PHE A 44 12.54 -2.97 -4.55
C PHE A 44 11.91 -4.35 -4.37
N THR A 45 10.69 -4.57 -4.84
CA THR A 45 10.04 -5.86 -4.65
C THR A 45 10.52 -6.92 -5.65
N TYR A 46 11.33 -6.53 -6.64
CA TYR A 46 11.90 -7.48 -7.58
C TYR A 46 13.32 -7.90 -7.24
N GLN A 47 13.82 -7.51 -6.07
CA GLN A 47 15.17 -7.86 -5.66
C GLN A 47 15.16 -9.05 -4.72
N SER A 48 16.01 -9.05 -3.70
CA SER A 48 16.11 -10.20 -2.83
C SER A 48 14.81 -10.37 -2.03
N GLN A 49 14.55 -11.62 -1.65
CA GLN A 49 13.42 -11.90 -0.77
C GLN A 49 13.51 -11.07 0.51
N THR A 50 14.72 -10.92 1.06
CA THR A 50 14.89 -10.10 2.25
C THR A 50 14.43 -8.67 2.02
N GLU A 51 14.83 -8.07 0.89
CA GLU A 51 14.43 -6.71 0.59
C GLU A 51 12.93 -6.61 0.37
N PHE A 52 12.36 -7.53 -0.40
CA PHE A 52 10.90 -7.58 -0.55
C PHE A 52 10.21 -7.60 0.81
N MET A 53 10.67 -8.48 1.70
CA MET A 53 10.02 -8.59 3.01
C MET A 53 10.20 -7.31 3.82
N GLU A 54 11.35 -6.65 3.69
CA GLU A 54 11.55 -5.39 4.41
C GLU A 54 10.54 -4.35 3.95
N VAL A 55 10.25 -4.32 2.65
CA VAL A 55 9.27 -3.37 2.12
C VAL A 55 7.87 -3.67 2.68
N MET A 56 7.44 -4.92 2.58
CA MET A 56 6.09 -5.23 3.03
C MET A 56 5.96 -5.10 4.54
N ASP A 57 7.02 -5.42 5.29
CA ASP A 57 6.94 -5.29 6.74
C ASP A 57 6.80 -3.83 7.14
N MET A 58 7.43 -2.93 6.39
CA MET A 58 7.31 -1.52 6.75
C MET A 58 5.92 -0.99 6.38
N LEU A 59 5.34 -1.44 5.26
CA LEU A 59 3.96 -1.09 4.96
C LEU A 59 3.04 -1.63 6.05
N ASP A 60 3.29 -2.87 6.47
CA ASP A 60 2.53 -3.47 7.57
C ASP A 60 2.60 -2.59 8.82
N ARG A 61 3.82 -2.22 9.17
CA ARG A 61 3.95 -1.28 10.33
C ARG A 61 3.18 0.13 10.26
N ARG A 62 3.21 0.64 9.02
CA ARG A 62 2.47 1.89 8.82
C ARG A 62 0.97 1.67 8.85
N LEU A 63 0.49 0.53 8.33
CA LEU A 63 -0.93 0.24 8.32
C LEU A 63 -1.51 0.06 9.71
N ASN A 64 -0.65 -0.09 10.71
CA ASN A 64 -1.11 -0.27 12.09
C ASN A 64 -1.20 1.05 12.86
N ASP A 65 -0.92 2.17 12.19
CA ASP A 65 -0.94 3.46 12.89
C ASP A 65 -2.36 4.01 12.96
N LYS A 66 -2.56 4.99 13.85
CA LYS A 66 -3.92 5.40 14.19
C LYS A 66 -3.96 6.90 14.47
N GLY A 67 -5.19 7.42 14.55
CA GLY A 67 -5.38 8.78 15.05
C GLY A 67 -4.65 9.81 14.21
N LYS A 68 -3.85 10.64 14.87
CA LYS A 68 -3.11 11.70 14.21
C LYS A 68 -2.18 11.21 13.11
N ASN A 69 -1.81 9.93 13.19
CA ASN A 69 -0.90 9.35 12.21
C ASN A 69 -1.66 8.69 11.07
N TRP A 70 -2.91 9.09 10.85
CA TRP A 70 -3.74 8.46 9.83
C TRP A 70 -3.11 8.50 8.44
N ARG A 71 -2.32 9.53 8.12
CA ARG A 71 -1.71 9.57 6.80
CA ARG A 71 -1.73 9.56 6.79
C ARG A 71 -0.79 8.38 6.56
N HIS A 72 -0.11 7.90 7.61
CA HIS A 72 0.69 6.69 7.46
C HIS A 72 -0.14 5.57 6.84
N VAL A 73 -1.40 5.46 7.23
CA VAL A 73 -2.27 4.37 6.76
C VAL A 73 -2.75 4.65 5.34
N ALA A 74 -3.25 5.86 5.09
CA ALA A 74 -3.72 6.22 3.76
C ALA A 74 -2.62 6.06 2.71
N LYS A 75 -1.43 6.62 2.98
CA LYS A 75 -0.33 6.51 2.03
C LYS A 75 0.13 5.06 1.85
N SER A 76 0.18 4.28 2.93
CA SER A 76 0.57 2.87 2.76
C SER A 76 -0.44 2.12 1.92
N LEU A 77 -1.72 2.44 2.05
CA LEU A 77 -2.70 1.79 1.18
C LEU A 77 -2.50 2.22 -0.26
N THR A 78 -2.13 3.48 -0.49
CA THR A 78 -1.83 3.92 -1.85
C THR A 78 -0.66 3.12 -2.41
N VAL A 79 0.42 2.97 -1.63
CA VAL A 79 1.56 2.23 -2.14
C VAL A 79 1.19 0.77 -2.40
N LEU A 80 0.42 0.18 -1.48
CA LEU A 80 0.07 -1.22 -1.60
C LEU A 80 -0.79 -1.47 -2.84
N ASP A 81 -1.76 -0.59 -3.10
CA ASP A 81 -2.57 -0.73 -4.32
C ASP A 81 -1.69 -0.62 -5.57
N TYR A 82 -0.70 0.29 -5.54
CA TYR A 82 0.24 0.37 -6.66
C TYR A 82 1.03 -0.93 -6.80
N LEU A 83 1.51 -1.47 -5.67
CA LEU A 83 2.32 -2.68 -5.71
C LEU A 83 1.55 -3.88 -6.22
N VAL A 84 0.26 -4.00 -5.85
CA VAL A 84 -0.54 -5.13 -6.32
CA VAL A 84 -0.48 -5.16 -6.34
C VAL A 84 -0.67 -5.09 -7.85
N ARG A 85 -0.60 -3.92 -8.45
CA ARG A 85 -0.75 -3.83 -9.89
C ARG A 85 0.58 -3.81 -10.63
N TYR A 86 1.62 -3.22 -10.04
CA TYR A 86 2.91 -3.06 -10.71
C TYR A 86 4.04 -3.83 -10.07
N GLY A 87 3.95 -4.20 -8.79
CA GLY A 87 5.07 -4.85 -8.12
C GLY A 87 5.16 -6.32 -8.45
N SER A 88 6.08 -7.01 -7.76
CA SER A 88 6.23 -8.42 -8.04
CA SER A 88 6.27 -8.45 -7.94
C SER A 88 4.99 -9.20 -7.58
N ASP A 89 4.81 -10.39 -8.16
CA ASP A 89 3.68 -11.24 -7.80
CA ASP A 89 3.62 -11.15 -7.79
C ASP A 89 3.62 -11.51 -6.31
N LYS A 90 4.79 -11.47 -5.64
CA LYS A 90 4.83 -11.71 -4.20
C LYS A 90 4.04 -10.64 -3.46
N CYS A 91 3.93 -9.44 -4.04
CA CYS A 91 3.12 -8.38 -3.44
C CYS A 91 1.64 -8.75 -3.41
N VAL A 92 1.14 -9.33 -4.51
CA VAL A 92 -0.24 -9.80 -4.51
C VAL A 92 -0.44 -10.90 -3.48
N LEU A 93 0.52 -11.82 -3.40
CA LEU A 93 0.43 -12.90 -2.42
C LEU A 93 0.39 -12.35 -1.00
N TRP A 94 1.28 -11.40 -0.69
CA TRP A 94 1.27 -10.77 0.63
C TRP A 94 -0.09 -10.13 0.91
N ALA A 95 -0.65 -9.42 -0.07
CA ALA A 95 -1.90 -8.71 0.17
C ALA A 95 -3.04 -9.69 0.39
N LYS A 96 -3.06 -10.78 -0.38
CA LYS A 96 -4.09 -11.79 -0.17
C LYS A 96 -3.90 -12.51 1.17
N ASP A 97 -2.65 -12.86 1.51
CA ASP A 97 -2.42 -13.52 2.79
C ASP A 97 -2.84 -12.64 3.95
N ASN A 98 -2.68 -11.32 3.79
CA ASN A 98 -2.97 -10.36 4.84
C ASN A 98 -4.26 -9.60 4.60
N LEU A 99 -5.22 -10.26 3.94
CA LEU A 99 -6.46 -9.58 3.60
C LEU A 99 -7.17 -9.07 4.84
N TYR A 100 -7.00 -9.78 5.97
CA TYR A 100 -7.59 -9.35 7.24
C TYR A 100 -7.28 -7.90 7.55
N ILE A 101 -6.01 -7.49 7.38
CA ILE A 101 -5.60 -6.12 7.68
C ILE A 101 -6.36 -5.13 6.81
N ILE A 102 -6.38 -5.39 5.50
CA ILE A 102 -7.03 -4.47 4.58
C ILE A 102 -8.52 -4.39 4.89
N LYS A 103 -9.13 -5.53 5.20
CA LYS A 103 -10.57 -5.51 5.49
C LYS A 103 -10.86 -4.73 6.77
N THR A 104 -9.98 -4.86 7.77
CA THR A 104 -10.20 -4.13 9.03
C THR A 104 -10.17 -2.62 8.79
N LEU A 105 -9.33 -2.18 7.85
CA LEU A 105 -9.19 -0.75 7.58
C LEU A 105 -10.42 -0.18 6.87
N ARG A 106 -11.32 -1.03 6.37
CA ARG A 106 -12.54 -0.53 5.77
C ARG A 106 -13.42 0.19 6.78
N GLU A 107 -13.13 0.05 8.09
CA GLU A 107 -13.89 0.73 9.13
C GLU A 107 -13.08 1.78 9.86
N PHE A 108 -11.92 2.16 9.34
CA PHE A 108 -11.05 3.12 10.03
C PHE A 108 -11.75 4.46 10.21
N VAL A 109 -11.58 5.07 11.39
CA VAL A 109 -12.19 6.35 11.75
C VAL A 109 -11.11 7.23 12.35
N HIS A 110 -11.16 8.52 12.01
CA HIS A 110 -10.29 9.50 12.62
C HIS A 110 -10.81 10.93 12.43
N PHE A 111 -11.35 11.52 13.49
CA PHE A 111 -11.82 12.88 13.40
C PHE A 111 -10.66 13.82 13.72
N ASP A 112 -10.43 14.81 12.87
CA ASP A 112 -9.33 15.74 13.08
C ASP A 112 -9.79 16.87 13.99
N GLU A 113 -9.06 17.99 13.98
CA GLU A 113 -9.32 19.08 14.91
C GLU A 113 -10.64 19.79 14.61
N THR A 114 -10.97 19.96 13.33
CA THR A 114 -12.24 20.53 12.93
C THR A 114 -13.35 19.50 12.85
N ASN A 115 -13.13 18.32 13.44
CA ASN A 115 -14.12 17.24 13.51
C ASN A 115 -14.52 16.73 12.13
N ASN A 116 -13.59 16.73 11.19
CA ASN A 116 -13.77 16.03 9.93
C ASN A 116 -13.12 14.67 10.02
N ASP A 117 -13.86 13.63 9.57
CA ASP A 117 -13.39 12.26 9.63
C ASP A 117 -12.47 11.98 8.45
N GLN A 118 -11.19 12.29 8.63
CA GLN A 118 -10.18 11.95 7.63
C GLN A 118 -10.09 10.45 7.37
N GLY A 119 -10.77 9.63 8.16
CA GLY A 119 -10.76 8.19 7.92
C GLY A 119 -11.46 7.78 6.63
N ALA A 120 -12.33 8.63 6.07
CA ALA A 120 -13.05 8.28 4.84
C ALA A 120 -12.08 7.89 3.73
N ILE A 121 -10.97 8.63 3.62
CA ILE A 121 -9.95 8.35 2.61
C ILE A 121 -9.43 6.93 2.76
N ILE A 122 -9.18 6.51 4.01
CA ILE A 122 -8.66 5.16 4.24
C ILE A 122 -9.72 4.11 3.94
N ARG A 123 -10.98 4.35 4.36
CA ARG A 123 -12.03 3.36 4.15
C ARG A 123 -12.24 3.08 2.66
N VAL A 124 -12.30 4.15 1.86
CA VAL A 124 -12.45 4.01 0.40
C VAL A 124 -11.30 3.19 -0.17
N LYS A 125 -10.06 3.57 0.17
CA LYS A 125 -8.93 2.85 -0.40
C LYS A 125 -8.94 1.40 0.02
N ALA A 126 -9.29 1.11 1.27
CA ALA A 126 -9.31 -0.28 1.70
C ALA A 126 -10.43 -1.04 0.98
N LYS A 127 -11.59 -0.42 0.83
CA LYS A 127 -12.69 -1.12 0.17
C LYS A 127 -12.33 -1.41 -1.29
N GLU A 128 -11.69 -0.44 -1.94
CA GLU A 128 -11.28 -0.61 -3.32
C GLU A 128 -10.21 -1.70 -3.45
N LEU A 129 -9.27 -1.79 -2.50
CA LEU A 129 -8.22 -2.80 -2.60
C LEU A 129 -8.79 -4.21 -2.37
N VAL A 130 -9.67 -4.36 -1.38
CA VAL A 130 -10.34 -5.65 -1.17
C VAL A 130 -11.06 -6.06 -2.45
N SER A 131 -11.78 -5.13 -3.08
CA SER A 131 -12.48 -5.46 -4.31
C SER A 131 -11.51 -5.88 -5.42
N LEU A 132 -10.41 -5.15 -5.59
CA LEU A 132 -9.43 -5.55 -6.61
C LEU A 132 -8.88 -6.94 -6.33
N LEU A 133 -8.53 -7.24 -5.07
CA LEU A 133 -8.02 -8.57 -4.76
C LEU A 133 -9.07 -9.65 -5.02
N ARG A 134 -10.34 -9.34 -4.79
CA ARG A 134 -11.41 -10.29 -5.09
C ARG A 134 -11.49 -10.58 -6.59
N ASP A 135 -11.24 -9.56 -7.42
CA ASP A 135 -11.46 -9.65 -8.87
C ASP A 135 -10.18 -10.19 -9.52
N ASP A 136 -9.96 -11.49 -9.33
CA ASP A 136 -8.71 -12.12 -9.75
C ASP A 136 -8.46 -11.93 -11.24
N GLU A 137 -9.49 -12.11 -12.08
CA GLU A 137 -9.25 -12.01 -13.52
C GLU A 137 -8.92 -10.58 -13.92
N ARG A 138 -9.64 -9.61 -13.33
CA ARG A 138 -9.34 -8.21 -13.61
C ARG A 138 -7.92 -7.86 -13.23
N LEU A 139 -7.50 -8.25 -12.01
CA LEU A 139 -6.14 -7.94 -11.57
C LEU A 139 -5.10 -8.61 -12.48
N LYS A 140 -5.35 -9.86 -12.87
CA LYS A 140 -4.44 -10.54 -13.78
C LYS A 140 -4.25 -9.74 -15.06
N GLN A 141 -5.34 -9.25 -15.66
CA GLN A 141 -5.21 -8.52 -16.91
C GLN A 141 -4.57 -7.15 -16.68
N GLU A 142 -4.86 -6.50 -15.55
CA GLU A 142 -4.18 -5.23 -15.28
C GLU A 142 -2.69 -5.44 -15.07
N ARG A 143 -2.29 -6.49 -14.33
CA ARG A 143 -0.86 -6.76 -14.17
C ARG A 143 -0.20 -7.12 -15.48
N ALA A 144 -0.87 -7.90 -16.32
CA ALA A 144 -0.29 -8.27 -17.60
C ALA A 144 -0.07 -7.03 -18.48
N ASN A 145 -0.99 -6.06 -18.41
CA ASN A 145 -0.81 -4.83 -19.19
C ASN A 145 0.38 -4.03 -18.67
N ALA A 146 0.55 -3.97 -17.35
CA ALA A 146 1.72 -3.29 -16.77
C ALA A 146 3.00 -3.97 -17.24
N LYS A 147 3.07 -5.29 -17.15
CA LYS A 147 4.27 -5.99 -17.61
CA LYS A 147 4.26 -6.01 -17.61
C LYS A 147 4.48 -5.80 -19.10
N LYS A 148 3.39 -5.75 -19.87
CA LYS A 148 3.49 -5.48 -21.31
C LYS A 148 4.26 -4.19 -21.58
N ASN A 149 4.05 -3.19 -20.74
CA ASN A 149 4.72 -1.91 -20.91
C ASN A 149 6.05 -1.86 -20.14
#